data_1GHR
#
_entry.id   1GHR
#
_cell.length_a   87.400
_cell.length_b   87.400
_cell.length_c   109.500
_cell.angle_alpha   90.00
_cell.angle_beta   90.00
_cell.angle_gamma   90.00
#
_symmetry.space_group_name_H-M   'P 43 21 2'
#
loop_
_entity.id
_entity.type
_entity.pdbx_description
1 polymer 1,3-1,4-BETA-GLUCANASE
2 water water
#
_entity_poly.entity_id   1
_entity_poly.type   'polypeptide(L)'
_entity_poly.pdbx_seq_one_letter_code
;IGVCYGMSANNLPAASTVVSMFKSNGIKSMRLYAPNQAALQAVGGTGINVVVGAPNDVLSNLAASPAAAASWVKSNIQAY
PKVSFRYVCVGNEVAGGATRNLVPAMKNVHGALVAAGLGHIKVTTSVSQAILGVFSPPSAGSFTGEAAAFMGPVVQFLAR
TNAPLMANIYPYLAWAYNPSAMDMGYALFNASGTVVRDGAYGYQNLFDTTVDAFYTAMGKHGGSSVKLVVSESGWPSGGG
TAATPANARFYNQHLINHVGRGTPRHPGAIETYIFAMFNENQKDSGVEQNWGLFYPNMQHVYPINF
;
_entity_poly.pdbx_strand_id   A
#
# COMPACT_ATOMS: atom_id res chain seq x y z
N ILE A 1 7.51 8.69 -6.54
CA ILE A 1 7.04 7.54 -5.72
C ILE A 1 5.83 8.09 -4.91
N GLY A 2 5.12 7.24 -4.17
CA GLY A 2 3.97 7.71 -3.42
C GLY A 2 4.31 7.70 -1.96
N VAL A 3 3.49 8.37 -1.14
CA VAL A 3 3.70 8.40 0.29
C VAL A 3 2.32 8.32 0.93
N CYS A 4 2.23 7.54 2.01
CA CYS A 4 0.96 7.38 2.74
C CYS A 4 0.76 8.51 3.72
N TYR A 5 -0.32 9.23 3.52
CA TYR A 5 -0.66 10.34 4.37
C TYR A 5 -1.54 9.85 5.55
N GLY A 6 -0.90 9.34 6.59
CA GLY A 6 -1.61 8.86 7.77
C GLY A 6 -1.89 10.03 8.69
N MET A 7 -3.07 10.05 9.30
CA MET A 7 -3.43 11.17 10.14
C MET A 7 -3.83 10.79 11.56
N SER A 8 -3.21 9.77 12.11
CA SER A 8 -3.50 9.32 13.44
C SER A 8 -2.57 10.02 14.40
N ALA A 9 -2.71 11.33 14.45
CA ALA A 9 -1.89 12.18 15.30
C ALA A 9 -2.71 13.42 15.62
N ASN A 10 -2.40 14.05 16.74
CA ASN A 10 -3.11 15.27 17.12
C ASN A 10 -2.33 16.56 16.86
N ASN A 11 -1.19 16.47 16.16
CA ASN A 11 -0.36 17.67 15.93
C ASN A 11 0.28 17.82 14.54
N LEU A 12 -0.43 17.46 13.49
CA LEU A 12 0.15 17.58 12.18
C LEU A 12 -0.15 18.96 11.64
N PRO A 13 0.60 19.41 10.62
CA PRO A 13 0.35 20.60 9.82
C PRO A 13 -1.04 20.56 9.19
N ALA A 14 -1.47 21.72 8.67
CA ALA A 14 -2.76 21.81 7.97
C ALA A 14 -2.57 21.07 6.65
N ALA A 15 -3.68 20.55 6.11
CA ALA A 15 -3.66 19.81 4.88
C ALA A 15 -2.94 20.53 3.74
N SER A 16 -3.19 21.84 3.65
CA SER A 16 -2.58 22.67 2.64
C SER A 16 -1.05 22.70 2.72
N THR A 17 -0.54 22.77 3.94
CA THR A 17 0.90 22.78 4.17
C THR A 17 1.47 21.43 3.76
N VAL A 18 0.78 20.34 4.14
CA VAL A 18 1.22 18.97 3.78
C VAL A 18 1.32 18.81 2.26
N VAL A 19 0.35 19.38 1.55
CA VAL A 19 0.33 19.33 0.10
C VAL A 19 1.50 20.08 -0.54
N SER A 20 1.98 21.11 0.14
CA SER A 20 3.15 21.85 -0.33
C SER A 20 4.39 21.03 -0.10
N MET A 21 4.41 20.26 0.98
CA MET A 21 5.53 19.39 1.27
C MET A 21 5.67 18.32 0.17
N PHE A 22 4.55 17.78 -0.29
CA PHE A 22 4.53 16.81 -1.37
C PHE A 22 5.14 17.46 -2.60
N LYS A 23 4.61 18.62 -2.96
CA LYS A 23 5.07 19.37 -4.13
C LYS A 23 6.56 19.68 -4.12
N SER A 24 7.07 20.23 -3.02
CA SER A 24 8.47 20.60 -2.98
C SER A 24 9.40 19.43 -2.90
N ASN A 25 8.97 18.34 -2.28
CA ASN A 25 9.85 17.19 -2.21
C ASN A 25 9.75 16.32 -3.45
N GLY A 26 8.82 16.63 -4.35
CA GLY A 26 8.67 15.83 -5.55
C GLY A 26 7.94 14.51 -5.31
N ILE A 27 6.99 14.50 -4.38
CA ILE A 27 6.23 13.28 -4.10
C ILE A 27 5.00 13.32 -5.00
N LYS A 28 5.08 12.54 -6.06
CA LYS A 28 4.04 12.44 -7.08
C LYS A 28 2.68 11.85 -6.70
N SER A 29 2.64 10.97 -5.71
CA SER A 29 1.36 10.42 -5.30
C SER A 29 1.14 10.43 -3.81
N MET A 30 -0.14 10.36 -3.44
CA MET A 30 -0.61 10.42 -2.06
C MET A 30 -1.67 9.38 -1.82
N ARG A 31 -1.58 8.73 -0.65
CA ARG A 31 -2.55 7.73 -0.24
C ARG A 31 -3.26 8.23 1.03
N LEU A 32 -4.58 8.27 0.99
CA LEU A 32 -5.37 8.70 2.09
C LEU A 32 -6.12 7.45 2.51
N TYR A 33 -6.50 7.34 3.77
CA TYR A 33 -7.16 6.13 4.19
C TYR A 33 -8.64 6.37 4.41
N ALA A 34 -9.10 7.54 3.99
CA ALA A 34 -10.48 7.90 4.20
C ALA A 34 -10.61 9.21 3.48
N PRO A 35 -11.82 9.52 2.98
CA PRO A 35 -12.06 10.78 2.26
C PRO A 35 -11.90 12.00 3.18
N ASN A 36 -10.69 12.50 3.38
CA ASN A 36 -10.54 13.66 4.24
C ASN A 36 -10.86 14.91 3.45
N GLN A 37 -11.90 15.65 3.80
CA GLN A 37 -12.23 16.86 3.04
C GLN A 37 -11.18 17.96 2.91
N ALA A 38 -10.48 18.23 4.01
CA ALA A 38 -9.41 19.21 4.03
C ALA A 38 -8.29 18.82 3.04
N ALA A 39 -7.88 17.54 3.06
CA ALA A 39 -6.83 17.06 2.18
C ALA A 39 -7.27 17.07 0.71
N LEU A 40 -8.50 16.62 0.47
CA LEU A 40 -9.07 16.55 -0.86
C LEU A 40 -9.27 17.94 -1.44
N GLN A 41 -9.61 18.91 -0.60
CA GLN A 41 -9.80 20.28 -1.07
C GLN A 41 -8.44 20.88 -1.38
N ALA A 42 -7.44 20.48 -0.62
CA ALA A 42 -6.10 21.00 -0.80
C ALA A 42 -5.37 20.47 -2.01
N VAL A 43 -5.43 19.16 -2.21
CA VAL A 43 -4.69 18.49 -3.27
C VAL A 43 -5.19 18.74 -4.71
N GLY A 44 -6.45 19.18 -4.81
CA GLY A 44 -7.07 19.46 -6.08
C GLY A 44 -6.26 20.41 -6.92
N GLY A 45 -6.22 20.14 -8.22
CA GLY A 45 -5.49 20.95 -9.18
C GLY A 45 -3.97 20.94 -9.09
N THR A 46 -3.37 20.07 -8.28
CA THR A 46 -1.91 20.06 -8.11
C THR A 46 -1.19 18.97 -8.93
N GLY A 47 -1.94 18.09 -9.58
CA GLY A 47 -1.32 17.02 -10.35
C GLY A 47 -0.83 15.87 -9.48
N ILE A 48 -0.98 15.95 -8.18
CA ILE A 48 -0.56 14.86 -7.33
C ILE A 48 -1.65 13.81 -7.46
N ASN A 49 -1.25 12.58 -7.73
CA ASN A 49 -2.18 11.48 -7.87
C ASN A 49 -2.67 11.05 -6.49
N VAL A 50 -3.92 10.64 -6.41
CA VAL A 50 -4.51 10.27 -5.13
C VAL A 50 -5.23 8.93 -5.15
N VAL A 51 -4.97 8.16 -4.10
CA VAL A 51 -5.59 6.89 -3.84
C VAL A 51 -6.42 7.29 -2.65
N VAL A 52 -7.74 7.17 -2.77
CA VAL A 52 -8.66 7.51 -1.71
C VAL A 52 -9.26 6.19 -1.24
N GLY A 53 -9.25 5.99 0.06
CA GLY A 53 -9.76 4.74 0.56
C GLY A 53 -11.09 4.86 1.25
N ALA A 54 -11.78 3.71 1.32
CA ALA A 54 -13.03 3.63 2.00
C ALA A 54 -12.72 2.89 3.30
N PRO A 55 -12.92 3.56 4.43
CA PRO A 55 -12.71 2.86 5.71
C PRO A 55 -13.45 1.49 5.81
N ASN A 56 -12.86 0.55 6.54
CA ASN A 56 -13.38 -0.78 6.73
C ASN A 56 -14.74 -0.83 7.39
N ASP A 57 -15.05 0.17 8.22
CA ASP A 57 -16.34 0.17 8.90
C ASP A 57 -17.57 0.57 8.01
N VAL A 58 -17.31 1.07 6.81
CA VAL A 58 -18.39 1.45 5.90
C VAL A 58 -18.61 0.39 4.81
N LEU A 59 -17.80 -0.66 4.81
CA LEU A 59 -17.94 -1.71 3.79
C LEU A 59 -19.31 -2.34 3.74
N SER A 60 -19.82 -2.74 4.89
CA SER A 60 -21.13 -3.38 5.01
C SER A 60 -22.18 -2.51 4.35
N ASN A 61 -21.96 -1.20 4.45
CA ASN A 61 -22.86 -0.19 3.88
C ASN A 61 -22.72 -0.13 2.35
N LEU A 62 -21.48 -0.12 1.87
CA LEU A 62 -21.22 -0.09 0.43
C LEU A 62 -21.62 -1.41 -0.25
N ALA A 63 -21.53 -2.51 0.50
CA ALA A 63 -21.87 -3.83 -0.01
C ALA A 63 -23.36 -3.98 -0.13
N ALA A 64 -24.08 -3.60 0.91
CA ALA A 64 -25.52 -3.74 0.92
C ALA A 64 -26.29 -3.00 -0.16
N SER A 65 -26.01 -1.72 -0.37
CA SER A 65 -26.74 -0.99 -1.37
C SER A 65 -25.87 -0.40 -2.45
N PRO A 66 -26.26 -0.61 -3.71
CA PRO A 66 -25.71 0.11 -4.86
C PRO A 66 -25.90 1.62 -4.74
N ALA A 67 -27.06 2.00 -4.23
CA ALA A 67 -27.41 3.40 -4.03
C ALA A 67 -26.49 3.99 -2.98
N ALA A 68 -26.09 3.15 -2.02
CA ALA A 68 -25.18 3.55 -0.93
C ALA A 68 -23.84 3.86 -1.54
N ALA A 69 -23.41 2.96 -2.42
CA ALA A 69 -22.15 3.11 -3.13
C ALA A 69 -22.20 4.40 -3.93
N ALA A 70 -23.34 4.62 -4.56
CA ALA A 70 -23.55 5.80 -5.38
C ALA A 70 -23.41 7.08 -4.57
N SER A 71 -24.07 7.13 -3.44
CA SER A 71 -23.99 8.32 -2.62
C SER A 71 -22.56 8.62 -2.20
N TRP A 72 -21.81 7.55 -1.88
CA TRP A 72 -20.43 7.65 -1.44
C TRP A 72 -19.57 8.29 -2.51
N VAL A 73 -19.72 7.77 -3.73
CA VAL A 73 -19.00 8.29 -4.87
C VAL A 73 -19.37 9.75 -5.17
N LYS A 74 -20.64 10.09 -5.00
CA LYS A 74 -21.09 11.45 -5.26
C LYS A 74 -20.47 12.45 -4.31
N SER A 75 -20.41 12.09 -3.03
CA SER A 75 -19.88 12.97 -2.00
C SER A 75 -18.37 12.94 -1.85
N ASN A 76 -17.77 11.79 -2.08
CA ASN A 76 -16.35 11.62 -1.91
C ASN A 76 -15.45 11.66 -3.14
N ILE A 77 -16.03 11.44 -4.31
CA ILE A 77 -15.23 11.43 -5.53
C ILE A 77 -15.70 12.60 -6.37
N GLN A 78 -17.00 12.58 -6.72
CA GLN A 78 -17.59 13.62 -7.58
C GLN A 78 -17.58 15.05 -7.03
N ALA A 79 -17.55 15.16 -5.70
CA ALA A 79 -17.54 16.43 -5.02
C ALA A 79 -16.23 17.12 -5.28
N TYR A 80 -15.24 16.38 -5.77
CA TYR A 80 -13.93 16.96 -6.02
C TYR A 80 -13.41 16.80 -7.45
N PRO A 81 -13.85 17.66 -8.37
CA PRO A 81 -13.64 17.47 -9.80
C PRO A 81 -12.22 17.76 -10.21
N LYS A 82 -11.50 18.51 -9.38
CA LYS A 82 -10.12 18.84 -9.70
C LYS A 82 -9.02 17.99 -9.10
N VAL A 83 -9.38 16.94 -8.33
CA VAL A 83 -8.40 16.02 -7.75
C VAL A 83 -8.07 14.93 -8.76
N SER A 84 -6.85 14.40 -8.71
CA SER A 84 -6.46 13.34 -9.65
C SER A 84 -6.52 11.93 -9.04
N PHE A 85 -7.74 11.39 -8.97
CA PHE A 85 -7.98 10.06 -8.41
C PHE A 85 -7.39 8.97 -9.28
N ARG A 86 -6.60 8.12 -8.65
CA ARG A 86 -5.93 7.00 -9.29
C ARG A 86 -6.76 5.75 -9.01
N TYR A 87 -6.93 5.44 -7.72
CA TYR A 87 -7.72 4.30 -7.31
C TYR A 87 -8.56 4.66 -6.10
N VAL A 88 -9.59 3.86 -5.90
CA VAL A 88 -10.47 3.91 -4.74
C VAL A 88 -10.16 2.55 -4.08
N CYS A 89 -9.46 2.57 -2.94
CA CYS A 89 -9.08 1.38 -2.20
C CYS A 89 -10.16 1.03 -1.19
N VAL A 90 -11.01 0.07 -1.54
CA VAL A 90 -12.13 -0.33 -0.67
C VAL A 90 -11.60 -1.34 0.34
N GLY A 91 -11.41 -0.89 1.57
CA GLY A 91 -10.88 -1.77 2.60
C GLY A 91 -9.36 -1.76 2.66
N ASN A 92 -8.84 -1.85 3.87
CA ASN A 92 -7.40 -1.93 4.10
C ASN A 92 -7.18 -3.05 5.09
N GLU A 93 -6.64 -4.15 4.59
CA GLU A 93 -6.39 -5.32 5.43
C GLU A 93 -7.64 -5.85 6.14
N VAL A 94 -8.73 -5.95 5.40
CA VAL A 94 -9.98 -6.47 5.96
C VAL A 94 -9.77 -7.93 6.43
N ALA A 95 -10.01 -8.16 7.72
CA ALA A 95 -9.87 -9.50 8.30
C ALA A 95 -11.22 -10.17 8.48
N GLY A 96 -11.18 -11.48 8.74
CA GLY A 96 -12.33 -12.34 8.89
C GLY A 96 -13.74 -11.80 8.88
N GLY A 97 -14.69 -12.62 8.42
CA GLY A 97 -16.08 -12.22 8.42
C GLY A 97 -16.44 -11.03 7.59
N ALA A 98 -15.84 -9.88 7.92
CA ALA A 98 -16.04 -8.65 7.19
C ALA A 98 -15.60 -8.82 5.76
N THR A 99 -14.71 -9.78 5.51
CA THR A 99 -14.23 -10.06 4.15
C THR A 99 -15.39 -10.51 3.24
N ARG A 100 -16.52 -10.84 3.83
CA ARG A 100 -17.71 -11.27 3.10
C ARG A 100 -18.25 -10.11 2.28
N ASN A 101 -17.98 -8.90 2.75
CA ASN A 101 -18.48 -7.70 2.10
C ASN A 101 -17.50 -7.08 1.13
N LEU A 102 -16.32 -7.67 1.04
CA LEU A 102 -15.27 -7.16 0.15
C LEU A 102 -15.69 -6.97 -1.30
N VAL A 103 -15.91 -8.07 -2.02
CA VAL A 103 -16.30 -8.00 -3.44
C VAL A 103 -17.58 -7.21 -3.80
N PRO A 104 -18.66 -7.39 -3.01
CA PRO A 104 -19.92 -6.64 -3.19
C PRO A 104 -19.72 -5.13 -3.04
N ALA A 105 -18.93 -4.71 -2.05
CA ALA A 105 -18.65 -3.30 -1.89
C ALA A 105 -17.85 -2.87 -3.13
N MET A 106 -16.84 -3.66 -3.50
CA MET A 106 -16.02 -3.35 -4.66
C MET A 106 -16.88 -3.29 -5.93
N LYS A 107 -17.82 -4.22 -6.08
CA LYS A 107 -18.67 -4.21 -7.26
C LYS A 107 -19.54 -2.95 -7.32
N ASN A 108 -20.11 -2.60 -6.18
CA ASN A 108 -20.94 -1.44 -6.11
C ASN A 108 -20.24 -0.11 -6.33
N VAL A 109 -19.02 0.07 -5.83
CA VAL A 109 -18.30 1.34 -5.99
C VAL A 109 -17.95 1.44 -7.47
N HIS A 110 -17.50 0.31 -8.01
CA HIS A 110 -17.15 0.21 -9.40
C HIS A 110 -18.30 0.62 -10.34
N GLY A 111 -19.48 0.02 -10.12
CA GLY A 111 -20.63 0.34 -10.95
C GLY A 111 -21.01 1.81 -10.88
N ALA A 112 -20.96 2.36 -9.66
CA ALA A 112 -21.25 3.76 -9.41
C ALA A 112 -20.30 4.66 -10.19
N LEU A 113 -19.04 4.26 -10.26
CA LEU A 113 -18.00 5.01 -10.95
C LEU A 113 -18.21 4.93 -12.45
N VAL A 114 -18.53 3.74 -12.95
CA VAL A 114 -18.76 3.54 -14.37
C VAL A 114 -20.02 4.34 -14.77
N ALA A 115 -21.03 4.37 -13.90
CA ALA A 115 -22.25 5.11 -14.19
C ALA A 115 -21.96 6.61 -14.32
N ALA A 116 -21.00 7.12 -13.54
CA ALA A 116 -20.69 8.55 -13.54
C ALA A 116 -19.77 8.89 -14.66
N GLY A 117 -19.28 7.87 -15.34
CA GLY A 117 -18.34 8.10 -16.41
C GLY A 117 -16.97 8.39 -15.83
N LEU A 118 -16.65 7.80 -14.68
CA LEU A 118 -15.33 7.97 -14.07
C LEU A 118 -14.63 6.60 -13.97
N GLY A 119 -14.91 5.74 -14.94
CA GLY A 119 -14.32 4.41 -14.95
C GLY A 119 -12.81 4.36 -15.07
N HIS A 120 -12.16 5.52 -15.23
CA HIS A 120 -10.70 5.52 -15.31
C HIS A 120 -10.12 5.35 -13.94
N ILE A 121 -10.97 5.52 -12.94
CA ILE A 121 -10.55 5.38 -11.56
C ILE A 121 -10.82 3.97 -11.11
N LYS A 122 -9.75 3.19 -10.97
CA LYS A 122 -9.82 1.80 -10.56
C LYS A 122 -10.10 1.58 -9.09
N VAL A 123 -10.93 0.56 -8.84
CA VAL A 123 -11.37 0.15 -7.52
C VAL A 123 -10.54 -1.07 -7.14
N THR A 124 -10.00 -1.09 -5.94
CA THR A 124 -9.20 -2.22 -5.57
C THR A 124 -9.32 -2.40 -4.05
N THR A 125 -8.43 -3.20 -3.47
CA THR A 125 -8.42 -3.40 -2.02
C THR A 125 -6.95 -3.54 -1.63
N SER A 126 -6.61 -3.45 -0.36
CA SER A 126 -5.21 -3.50 0.05
C SER A 126 -5.08 -4.64 0.99
N VAL A 127 -4.12 -5.52 0.74
CA VAL A 127 -3.98 -6.68 1.61
C VAL A 127 -2.65 -6.63 2.35
N SER A 128 -2.56 -7.46 3.37
CA SER A 128 -1.39 -7.53 4.21
C SER A 128 -0.53 -8.73 3.80
N GLN A 129 0.78 -8.53 3.80
CA GLN A 129 1.73 -9.60 3.50
C GLN A 129 1.50 -10.77 4.45
N ALA A 130 0.74 -10.55 5.51
CA ALA A 130 0.47 -11.62 6.45
C ALA A 130 -0.47 -12.63 5.82
N ILE A 131 -1.05 -12.32 4.65
CA ILE A 131 -1.93 -13.31 4.02
C ILE A 131 -1.15 -14.40 3.30
N LEU A 132 0.16 -14.20 3.15
CA LEU A 132 1.02 -15.22 2.51
C LEU A 132 1.39 -16.34 3.48
N GLY A 133 0.93 -17.55 3.20
CA GLY A 133 1.30 -18.66 4.04
C GLY A 133 2.77 -18.99 3.77
N VAL A 134 3.15 -19.01 2.50
CA VAL A 134 4.53 -19.29 2.13
C VAL A 134 4.96 -18.15 1.21
N PHE A 135 6.14 -17.59 1.44
CA PHE A 135 6.59 -16.47 0.59
C PHE A 135 7.98 -16.70 0.03
N SER A 136 8.57 -17.83 0.42
CA SER A 136 9.90 -18.18 -0.04
C SER A 136 9.92 -19.68 -0.18
N PRO A 137 10.44 -20.18 -1.32
CA PRO A 137 10.90 -19.31 -2.41
C PRO A 137 9.70 -18.82 -3.21
N PRO A 138 9.84 -17.71 -3.94
CA PRO A 138 8.78 -17.08 -4.72
C PRO A 138 7.88 -18.05 -5.51
N SER A 139 8.47 -19.11 -6.07
CA SER A 139 7.73 -20.08 -6.85
C SER A 139 6.80 -20.91 -5.98
N ALA A 140 7.06 -20.91 -4.68
CA ALA A 140 6.24 -21.64 -3.72
C ALA A 140 5.30 -20.67 -2.97
N GLY A 141 4.99 -19.53 -3.59
CA GLY A 141 4.15 -18.55 -2.96
C GLY A 141 2.75 -19.04 -2.79
N SER A 142 2.15 -18.76 -1.63
CA SER A 142 0.78 -19.18 -1.37
C SER A 142 0.16 -18.51 -0.15
N PHE A 143 -1.15 -18.25 -0.24
CA PHE A 143 -1.93 -17.62 0.79
C PHE A 143 -2.17 -18.62 1.90
N THR A 144 -2.60 -18.11 3.04
CA THR A 144 -2.94 -18.97 4.13
C THR A 144 -4.29 -19.61 3.65
N GLY A 145 -4.83 -20.55 4.41
CA GLY A 145 -6.08 -21.18 4.03
C GLY A 145 -7.27 -20.28 4.32
N GLU A 146 -7.10 -19.42 5.32
CA GLU A 146 -8.11 -18.46 5.75
C GLU A 146 -8.24 -17.40 4.66
N ALA A 147 -7.09 -16.94 4.19
CA ALA A 147 -7.03 -15.93 3.15
C ALA A 147 -7.42 -16.56 1.82
N ALA A 148 -6.99 -17.79 1.61
CA ALA A 148 -7.28 -18.52 0.38
C ALA A 148 -8.77 -18.58 0.12
N ALA A 149 -9.53 -18.72 1.21
CA ALA A 149 -10.99 -18.80 1.18
C ALA A 149 -11.67 -17.54 0.61
N PHE A 150 -11.15 -16.34 0.89
CA PHE A 150 -11.78 -15.13 0.34
C PHE A 150 -11.01 -14.51 -0.84
N MET A 151 -9.72 -14.78 -0.93
CA MET A 151 -8.91 -14.20 -2.00
C MET A 151 -9.24 -14.60 -3.42
N GLY A 152 -9.85 -15.78 -3.57
CA GLY A 152 -10.21 -16.23 -4.91
C GLY A 152 -11.09 -15.28 -5.68
N PRO A 153 -12.32 -15.01 -5.21
CA PRO A 153 -13.28 -14.10 -5.82
C PRO A 153 -12.76 -12.67 -5.98
N VAL A 154 -11.96 -12.21 -5.00
CA VAL A 154 -11.35 -10.89 -5.06
C VAL A 154 -10.40 -10.81 -6.28
N VAL A 155 -9.48 -11.77 -6.38
CA VAL A 155 -8.51 -11.79 -7.49
C VAL A 155 -9.16 -11.80 -8.86
N GLN A 156 -10.16 -12.67 -9.01
CA GLN A 156 -10.89 -12.81 -10.25
C GLN A 156 -11.58 -11.50 -10.61
N PHE A 157 -12.18 -10.82 -9.62
CA PHE A 157 -12.88 -9.56 -9.85
C PHE A 157 -11.93 -8.56 -10.47
N LEU A 158 -10.76 -8.45 -9.83
CA LEU A 158 -9.72 -7.54 -10.26
C LEU A 158 -9.34 -7.85 -11.71
N ALA A 159 -9.15 -9.13 -11.99
CA ALA A 159 -8.82 -9.57 -13.33
C ALA A 159 -9.92 -9.13 -14.29
N ARG A 160 -11.17 -9.31 -13.90
CA ARG A 160 -12.27 -8.93 -14.79
C ARG A 160 -12.40 -7.44 -15.02
N THR A 161 -11.95 -6.63 -14.07
CA THR A 161 -12.09 -5.20 -14.21
C THR A 161 -10.78 -4.50 -14.53
N ASN A 162 -9.75 -5.26 -14.79
CA ASN A 162 -8.44 -4.69 -15.13
C ASN A 162 -7.90 -3.73 -14.04
N ALA A 163 -8.03 -4.15 -12.78
CA ALA A 163 -7.58 -3.37 -11.64
C ALA A 163 -6.43 -4.12 -10.99
N PRO A 164 -5.51 -3.42 -10.30
CA PRO A 164 -4.40 -4.11 -9.65
C PRO A 164 -4.81 -4.53 -8.26
N LEU A 165 -3.88 -5.17 -7.56
CA LEU A 165 -4.04 -5.61 -6.18
C LEU A 165 -3.02 -4.73 -5.43
N MET A 166 -3.31 -4.36 -4.19
CA MET A 166 -2.41 -3.50 -3.46
C MET A 166 -1.95 -4.32 -2.30
N ALA A 167 -0.65 -4.34 -2.04
CA ALA A 167 -0.13 -5.14 -0.95
C ALA A 167 0.72 -4.24 -0.08
N ASN A 168 0.54 -4.39 1.23
CA ASN A 168 1.29 -3.63 2.22
C ASN A 168 2.48 -4.57 2.52
N ILE A 169 3.65 -4.21 2.02
CA ILE A 169 4.87 -5.01 2.12
C ILE A 169 5.97 -4.46 3.02
N TYR A 170 6.24 -5.19 4.11
CA TYR A 170 7.27 -4.77 5.06
C TYR A 170 8.25 -5.91 5.33
N PRO A 171 9.40 -5.94 4.63
CA PRO A 171 10.53 -6.78 5.02
C PRO A 171 10.93 -6.64 6.50
N TYR A 172 10.93 -5.40 6.99
CA TYR A 172 11.30 -5.18 8.40
C TYR A 172 10.46 -6.06 9.30
N LEU A 173 9.18 -6.13 9.02
CA LEU A 173 8.30 -6.92 9.83
C LEU A 173 8.55 -8.41 9.64
N ALA A 174 8.86 -8.85 8.43
CA ALA A 174 9.12 -10.27 8.19
C ALA A 174 10.36 -10.67 8.99
N TRP A 175 11.36 -9.80 8.94
CA TRP A 175 12.62 -10.01 9.64
C TRP A 175 12.54 -9.93 11.15
N ALA A 176 11.85 -8.93 11.65
CA ALA A 176 11.75 -8.70 13.08
C ALA A 176 11.07 -9.84 13.80
N TYR A 177 10.14 -10.49 13.12
CA TYR A 177 9.39 -11.63 13.66
C TYR A 177 10.32 -12.69 14.27
N ASN A 178 11.43 -12.94 13.57
CA ASN A 178 12.43 -13.90 14.01
C ASN A 178 13.79 -13.54 13.41
N PRO A 179 14.50 -12.57 14.03
CA PRO A 179 15.74 -12.01 13.49
C PRO A 179 16.81 -13.08 13.31
N SER A 180 16.56 -14.23 13.92
CA SER A 180 17.47 -15.37 13.86
C SER A 180 17.25 -16.21 12.61
N ALA A 181 16.10 -16.05 11.96
CA ALA A 181 15.80 -16.81 10.76
C ALA A 181 16.45 -16.27 9.48
N MET A 182 16.58 -14.95 9.37
CA MET A 182 17.20 -14.36 8.19
C MET A 182 18.11 -13.23 8.57
N ASP A 183 19.03 -12.89 7.68
CA ASP A 183 19.94 -11.81 7.98
C ASP A 183 19.36 -10.46 7.55
N MET A 184 19.39 -9.52 8.49
CA MET A 184 18.87 -8.18 8.30
C MET A 184 19.27 -7.48 7.01
N GLY A 185 20.43 -7.80 6.47
CA GLY A 185 20.86 -7.16 5.24
C GLY A 185 19.93 -7.55 4.10
N TYR A 186 19.49 -8.80 4.12
CA TYR A 186 18.56 -9.36 3.13
C TYR A 186 17.28 -8.51 3.08
N ALA A 187 16.82 -8.06 4.25
CA ALA A 187 15.63 -7.22 4.37
C ALA A 187 15.94 -5.75 4.11
N LEU A 188 17.15 -5.32 4.44
CA LEU A 188 17.54 -3.92 4.27
C LEU A 188 18.07 -3.49 2.90
N PHE A 189 17.97 -4.32 1.87
CA PHE A 189 18.53 -3.97 0.57
C PHE A 189 20.06 -3.86 0.72
N ASN A 190 20.63 -4.69 1.56
CA ASN A 190 22.05 -4.65 1.80
C ASN A 190 22.71 -6.02 1.88
N ALA A 191 22.35 -6.91 0.96
CA ALA A 191 22.93 -8.24 0.90
C ALA A 191 24.00 -8.15 -0.19
N SER A 192 25.03 -8.97 -0.07
CA SER A 192 26.12 -8.94 -1.04
C SER A 192 25.69 -9.54 -2.35
N GLY A 193 24.99 -10.66 -2.27
CA GLY A 193 24.54 -11.29 -3.50
C GLY A 193 23.36 -12.18 -3.26
N THR A 194 22.96 -12.90 -4.29
CA THR A 194 21.83 -13.81 -4.22
C THR A 194 21.74 -14.50 -2.89
N VAL A 195 20.56 -14.45 -2.30
CA VAL A 195 20.32 -15.06 -1.01
C VAL A 195 19.43 -16.26 -1.21
N VAL A 196 18.62 -16.18 -2.25
CA VAL A 196 17.68 -17.22 -2.63
C VAL A 196 17.78 -17.48 -4.13
N ARG A 197 18.05 -18.72 -4.51
CA ARG A 197 18.11 -19.07 -5.92
C ARG A 197 16.84 -19.88 -6.18
N ASP A 198 15.91 -19.28 -6.88
CA ASP A 198 14.66 -19.95 -7.21
C ASP A 198 14.62 -20.30 -8.69
N GLY A 199 14.93 -21.56 -8.99
CA GLY A 199 14.92 -21.99 -10.37
C GLY A 199 16.04 -21.27 -11.07
N ALA A 200 15.69 -20.43 -12.03
CA ALA A 200 16.68 -19.68 -12.77
C ALA A 200 16.67 -18.23 -12.33
N TYR A 201 16.04 -17.95 -11.18
CA TYR A 201 15.97 -16.59 -10.67
C TYR A 201 16.64 -16.52 -9.31
N GLY A 202 17.42 -15.47 -9.09
CA GLY A 202 18.08 -15.33 -7.82
C GLY A 202 17.67 -14.03 -7.18
N TYR A 203 17.22 -14.12 -5.93
CA TYR A 203 16.78 -12.98 -5.16
C TYR A 203 17.88 -12.46 -4.22
N GLN A 204 18.04 -11.14 -4.20
CA GLN A 204 19.06 -10.47 -3.40
C GLN A 204 18.45 -9.56 -2.31
N ASN A 205 17.11 -9.58 -2.18
CA ASN A 205 16.40 -8.78 -1.17
C ASN A 205 14.99 -9.29 -0.96
N LEU A 206 14.57 -9.22 0.31
CA LEU A 206 13.26 -9.65 0.76
C LEU A 206 12.06 -8.95 0.11
N PHE A 207 12.25 -7.75 -0.43
CA PHE A 207 11.15 -7.04 -1.07
C PHE A 207 10.76 -7.81 -2.32
N ASP A 208 11.75 -8.10 -3.18
CA ASP A 208 11.48 -8.83 -4.41
C ASP A 208 10.87 -10.19 -4.13
N THR A 209 11.51 -10.94 -3.24
CA THR A 209 11.02 -12.25 -2.88
C THR A 209 9.51 -12.25 -2.59
N THR A 210 9.05 -11.27 -1.77
CA THR A 210 7.65 -11.12 -1.38
C THR A 210 6.73 -10.78 -2.55
N VAL A 211 7.10 -9.74 -3.29
CA VAL A 211 6.35 -9.30 -4.45
C VAL A 211 6.14 -10.49 -5.42
N ASP A 212 7.20 -11.23 -5.71
CA ASP A 212 7.10 -12.36 -6.62
C ASP A 212 6.30 -13.49 -6.05
N ALA A 213 6.38 -13.66 -4.73
CA ALA A 213 5.61 -14.66 -4.02
C ALA A 213 4.13 -14.28 -4.16
N PHE A 214 3.83 -12.98 -4.12
CA PHE A 214 2.46 -12.51 -4.26
C PHE A 214 1.92 -12.86 -5.63
N TYR A 215 2.73 -12.62 -6.65
CA TYR A 215 2.32 -12.91 -8.02
C TYR A 215 1.98 -14.39 -8.24
N THR A 216 2.77 -15.25 -7.62
CA THR A 216 2.61 -16.69 -7.70
C THR A 216 1.32 -17.15 -7.02
N ALA A 217 1.02 -16.55 -5.87
CA ALA A 217 -0.16 -16.90 -5.10
C ALA A 217 -1.36 -16.38 -5.86
N MET A 218 -1.25 -15.19 -6.40
CA MET A 218 -2.33 -14.60 -7.14
C MET A 218 -2.66 -15.46 -8.37
N GLY A 219 -1.62 -16.03 -8.97
CA GLY A 219 -1.79 -16.83 -10.16
C GLY A 219 -2.63 -18.07 -9.93
N LYS A 220 -2.50 -18.66 -8.75
CA LYS A 220 -3.22 -19.88 -8.38
C LYS A 220 -4.72 -19.69 -8.25
N HIS A 221 -5.18 -18.45 -8.39
CA HIS A 221 -6.60 -18.21 -8.29
C HIS A 221 -7.16 -17.40 -9.44
N GLY A 222 -6.42 -17.46 -10.54
CA GLY A 222 -6.82 -16.77 -11.75
C GLY A 222 -6.48 -15.30 -11.75
N GLY A 223 -5.33 -14.95 -11.17
CA GLY A 223 -4.89 -13.57 -11.12
C GLY A 223 -3.63 -13.32 -11.94
N SER A 224 -3.23 -14.26 -12.81
CA SER A 224 -2.03 -14.13 -13.63
C SER A 224 -2.00 -12.90 -14.52
N SER A 225 -3.13 -12.22 -14.63
CA SER A 225 -3.24 -11.02 -15.44
C SER A 225 -3.30 -9.77 -14.57
N VAL A 226 -3.41 -9.93 -13.25
CA VAL A 226 -3.51 -8.82 -12.29
C VAL A 226 -2.13 -8.29 -11.86
N LYS A 227 -1.97 -6.97 -11.73
CA LYS A 227 -0.70 -6.38 -11.33
C LYS A 227 -0.74 -6.11 -9.86
N LEU A 228 0.43 -6.03 -9.25
CA LEU A 228 0.51 -5.73 -7.84
C LEU A 228 1.01 -4.29 -7.64
N VAL A 229 0.40 -3.56 -6.72
CA VAL A 229 0.83 -2.19 -6.38
C VAL A 229 1.25 -2.33 -4.92
N VAL A 230 2.41 -1.78 -4.56
CA VAL A 230 2.89 -1.84 -3.16
C VAL A 230 2.31 -0.62 -2.48
N SER A 231 1.19 -0.80 -1.76
CA SER A 231 0.46 0.33 -1.16
C SER A 231 1.05 0.87 0.11
N GLU A 232 2.05 0.18 0.63
CA GLU A 232 2.73 0.56 1.86
C GLU A 232 4.03 -0.20 1.93
N SER A 233 5.07 0.49 2.36
CA SER A 233 6.36 -0.13 2.59
C SER A 233 7.13 0.91 3.37
N GLY A 234 7.93 0.45 4.33
CA GLY A 234 8.71 1.38 5.14
C GLY A 234 9.54 0.64 6.15
N TRP A 235 10.23 1.39 6.99
CA TRP A 235 11.11 0.86 8.04
C TRP A 235 11.11 1.94 9.15
N PRO A 236 10.95 1.54 10.44
CA PRO A 236 10.80 2.52 11.51
C PRO A 236 12.16 3.08 11.96
N SER A 237 12.14 4.34 12.43
CA SER A 237 13.32 5.05 12.88
C SER A 237 13.50 5.02 14.41
N GLY A 238 12.71 4.20 15.08
CA GLY A 238 12.86 4.08 16.51
C GLY A 238 11.77 3.24 17.08
N GLY A 239 12.06 2.68 18.26
CA GLY A 239 11.05 1.92 18.97
C GLY A 239 11.20 0.45 18.99
N GLY A 240 12.24 -0.06 18.33
CA GLY A 240 12.41 -1.49 18.30
C GLY A 240 13.72 -1.86 17.65
N THR A 241 14.02 -3.16 17.68
CA THR A 241 15.23 -3.72 17.10
C THR A 241 15.43 -3.22 15.70
N ALA A 242 16.64 -2.76 15.44
CA ALA A 242 17.02 -2.23 14.15
C ALA A 242 16.27 -0.93 13.77
N ALA A 243 15.46 -0.42 14.68
CA ALA A 243 14.73 0.80 14.41
C ALA A 243 15.56 2.04 14.72
N THR A 244 16.20 2.62 13.71
CA THR A 244 17.01 3.82 13.87
C THR A 244 16.85 4.64 12.58
N PRO A 245 17.19 5.94 12.61
CA PRO A 245 17.19 6.73 11.36
C PRO A 245 18.18 6.26 10.26
N ALA A 246 19.30 5.66 10.67
CA ALA A 246 20.30 5.18 9.73
C ALA A 246 19.76 4.03 8.91
N ASN A 247 19.09 3.11 9.61
CA ASN A 247 18.47 1.94 9.01
C ASN A 247 17.27 2.33 8.21
N ALA A 248 16.43 3.23 8.74
CA ALA A 248 15.21 3.65 8.05
C ALA A 248 15.55 4.40 6.77
N ARG A 249 16.63 5.17 6.79
CA ARG A 249 17.06 5.90 5.64
C ARG A 249 17.62 4.93 4.61
N PHE A 250 18.42 3.96 5.08
CA PHE A 250 19.05 2.98 4.18
C PHE A 250 17.96 2.23 3.44
N TYR A 251 16.95 1.80 4.19
CA TYR A 251 15.84 1.08 3.63
C TYR A 251 15.02 1.93 2.65
N ASN A 252 14.51 3.06 3.12
CA ASN A 252 13.67 3.88 2.26
C ASN A 252 14.32 4.40 1.02
N GLN A 253 15.56 4.85 1.12
CA GLN A 253 16.25 5.33 -0.05
C GLN A 253 16.47 4.22 -1.05
N HIS A 254 16.87 3.03 -0.59
CA HIS A 254 17.07 1.91 -1.52
C HIS A 254 15.76 1.47 -2.17
N LEU A 255 14.66 1.58 -1.42
CA LEU A 255 13.33 1.24 -1.93
C LEU A 255 13.09 2.15 -3.14
N ILE A 256 13.23 3.44 -2.89
CA ILE A 256 13.03 4.47 -3.89
C ILE A 256 13.85 4.23 -5.14
N ASN A 257 15.12 3.91 -4.95
CA ASN A 257 16.00 3.67 -6.07
C ASN A 257 15.69 2.35 -6.73
N HIS A 258 15.24 1.38 -5.94
CA HIS A 258 14.93 0.05 -6.45
C HIS A 258 13.68 -0.15 -7.30
N VAL A 259 12.53 0.29 -6.81
CA VAL A 259 11.26 0.01 -7.50
C VAL A 259 11.10 0.18 -9.01
N GLY A 260 11.84 1.12 -9.62
CA GLY A 260 11.73 1.30 -11.06
C GLY A 260 12.19 0.10 -11.88
N ARG A 261 13.05 -0.73 -11.31
CA ARG A 261 13.60 -1.90 -11.98
C ARG A 261 12.64 -3.07 -11.94
N GLY A 262 12.01 -3.29 -10.79
CA GLY A 262 11.09 -4.40 -10.73
C GLY A 262 11.71 -5.55 -10.00
N THR A 263 11.17 -6.75 -10.23
CA THR A 263 11.67 -7.95 -9.58
C THR A 263 12.23 -8.90 -10.63
N PRO A 264 12.98 -9.94 -10.20
CA PRO A 264 13.47 -11.02 -11.05
C PRO A 264 12.46 -11.59 -12.07
N ARG A 265 11.29 -11.99 -11.61
CA ARG A 265 10.31 -12.55 -12.52
C ARG A 265 9.30 -11.52 -13.06
N HIS A 266 9.37 -10.34 -12.58
CA HIS A 266 8.44 -9.28 -12.98
C HIS A 266 9.19 -7.95 -13.13
N PRO A 267 9.89 -7.73 -14.22
CA PRO A 267 10.68 -6.50 -14.43
C PRO A 267 9.78 -5.35 -14.86
N GLY A 268 9.99 -4.18 -14.30
CA GLY A 268 9.15 -3.05 -14.65
C GLY A 268 8.75 -2.33 -13.37
N ALA A 269 8.75 -1.01 -13.41
CA ALA A 269 8.45 -0.21 -12.23
C ALA A 269 7.23 -0.65 -11.47
N ILE A 270 7.38 -0.80 -10.16
CA ILE A 270 6.30 -1.21 -9.27
C ILE A 270 5.79 0.06 -8.64
N GLU A 271 4.48 0.32 -8.76
CA GLU A 271 3.91 1.52 -8.15
C GLU A 271 4.10 1.27 -6.63
N THR A 272 4.63 2.27 -5.91
CA THR A 272 4.93 2.12 -4.48
C THR A 272 4.57 3.36 -3.65
N TYR A 273 4.08 3.11 -2.45
CA TYR A 273 3.67 4.17 -1.55
C TYR A 273 4.44 3.91 -0.29
N ILE A 274 5.21 4.90 0.19
CA ILE A 274 5.97 4.73 1.41
C ILE A 274 5.17 5.12 2.63
N PHE A 275 5.17 4.24 3.64
CA PHE A 275 4.48 4.54 4.89
C PHE A 275 5.49 5.05 5.94
N ALA A 276 5.43 6.33 6.33
CA ALA A 276 4.33 7.28 6.04
C ALA A 276 4.89 8.68 6.14
N MET A 277 4.10 9.68 5.74
CA MET A 277 4.59 11.06 5.79
C MET A 277 5.16 11.53 7.16
N PHE A 278 4.40 11.37 8.26
CA PHE A 278 4.86 11.80 9.59
C PHE A 278 4.82 10.71 10.64
N ASN A 279 5.46 10.95 11.78
CA ASN A 279 5.39 9.98 12.87
C ASN A 279 3.96 10.22 13.38
N GLU A 280 3.26 9.18 13.82
CA GLU A 280 1.89 9.35 14.31
C GLU A 280 1.81 9.07 15.80
N ASN A 281 1.53 10.13 16.52
CA ASN A 281 1.51 10.13 17.96
C ASN A 281 0.30 9.59 18.65
N GLN A 282 -0.72 9.22 17.87
CA GLN A 282 -1.91 8.63 18.44
C GLN A 282 -1.88 7.13 18.30
N LYS A 283 -0.78 6.57 17.77
CA LYS A 283 -0.59 5.12 17.64
C LYS A 283 0.04 4.60 18.94
N ASP A 284 0.03 3.29 19.14
CA ASP A 284 0.58 2.74 20.37
C ASP A 284 2.06 2.95 20.40
N SER A 285 2.61 3.15 21.59
CA SER A 285 4.04 3.38 21.75
C SER A 285 4.83 2.25 21.11
N GLY A 286 6.01 2.58 20.58
CA GLY A 286 6.83 1.57 19.91
C GLY A 286 7.21 2.06 18.53
N VAL A 287 7.35 1.14 17.57
CA VAL A 287 7.72 1.50 16.20
C VAL A 287 6.55 2.16 15.49
N GLU A 288 5.32 1.90 15.94
CA GLU A 288 4.14 2.48 15.30
C GLU A 288 4.13 3.99 15.27
N GLN A 289 4.79 4.62 16.23
CA GLN A 289 4.78 6.06 16.26
C GLN A 289 6.03 6.59 15.57
N ASN A 290 6.70 5.74 14.79
CA ASN A 290 7.95 6.12 14.13
C ASN A 290 8.09 5.70 12.66
N TRP A 291 7.00 5.68 11.91
CA TRP A 291 7.14 5.30 10.51
C TRP A 291 7.44 6.50 9.62
N GLY A 292 7.11 7.69 10.13
CA GLY A 292 7.26 8.93 9.40
C GLY A 292 8.56 9.34 8.79
N LEU A 293 8.46 9.96 7.63
CA LEU A 293 9.62 10.47 6.94
C LEU A 293 9.90 11.83 7.57
N PHE A 294 8.87 12.42 8.17
CA PHE A 294 8.93 13.77 8.78
C PHE A 294 8.44 13.78 10.22
N TYR A 295 8.83 14.82 10.94
CA TYR A 295 8.34 15.03 12.29
C TYR A 295 7.15 15.96 12.05
N PRO A 296 6.20 16.02 12.99
CA PRO A 296 5.14 17.02 12.83
C PRO A 296 5.71 18.42 12.61
N ASN A 297 6.82 18.71 13.28
CA ASN A 297 7.44 20.03 13.16
C ASN A 297 7.94 20.29 11.75
N MET A 298 7.66 19.35 10.84
CA MET A 298 8.02 19.45 9.44
C MET A 298 9.46 19.11 9.06
N GLN A 299 10.31 18.88 10.05
CA GLN A 299 11.70 18.50 9.81
C GLN A 299 11.76 17.01 9.35
N HIS A 300 12.66 16.70 8.41
CA HIS A 300 12.85 15.31 7.96
C HIS A 300 13.42 14.55 9.14
N VAL A 301 13.09 13.28 9.27
CA VAL A 301 13.65 12.47 10.36
C VAL A 301 15.04 12.03 9.86
N TYR A 302 15.15 11.92 8.54
CA TYR A 302 16.39 11.55 7.86
C TYR A 302 16.22 12.02 6.42
N PRO A 303 17.33 12.29 5.73
CA PRO A 303 17.32 12.85 4.35
C PRO A 303 16.91 11.80 3.32
N ILE A 304 16.06 12.17 2.39
CA ILE A 304 15.59 11.23 1.37
C ILE A 304 15.48 11.93 0.03
N ASN A 305 15.70 11.20 -1.06
CA ASN A 305 15.62 11.81 -2.37
C ASN A 305 14.51 11.06 -3.06
N PHE A 306 13.37 11.71 -3.28
CA PHE A 306 12.23 11.05 -3.91
C PHE A 306 12.33 11.00 -5.42
#